data_5KWN
#
_entry.id   5KWN
#
_cell.length_a   47.990
_cell.length_b   55.176
_cell.length_c   131.618
_cell.angle_alpha   90.00
_cell.angle_beta   90.00
_cell.angle_gamma   90.00
#
_symmetry.space_group_name_H-M   'P 21 2 21'
#
loop_
_entity.id
_entity.type
_entity.pdbx_description
1 polymer 'E3 ubiquitin-protein ligase COP1'
2 polymer 'peptide 16-mer'
3 water water
#
loop_
_entity_poly.entity_id
_entity_poly.type
_entity_poly.pdbx_seq_one_letter_code
_entity_poly.pdbx_strand_id
1 'polypeptide(L)'
;MHHHHHHHHTFTRYSRLRVIAEIRHGDIFHSANIVSSIEFDRDDELFATAGVSRCIKVFDFSSVVNEPADMQCPIVEMST
RSKLSCLSWNKHEKNHIASSDYEGIVTVWDVTTRQSLMEYEEHEKRAWSVDFSRTEPSMLVSGSDDCKVKVWCTRQEASV
INIDMKANICCVKYNPGSSNYIAVGSADHHIHYYDLRNISQPLHVFSGHKKAVSYVKFLSNNELASASTDSTLRLWDVKD
NLPVRTFRGHTNEKNFVGLTVNSEYLACGSETNEVYVYHKEITRPVTSHRFGSPDMDDAEEEAGSYFISAVCWKSDSPTM
LTANSQGTIKVLVLAA
;
A
2 'polypeptide(L)' IESDEEIRRVPEFGGEAVG U
#
# COMPACT_ATOMS: atom_id res chain seq x y z
N PHE A 11 -1.10 -23.79 11.73
CA PHE A 11 -0.92 -22.68 10.82
C PHE A 11 0.35 -21.84 10.99
N THR A 12 0.77 -21.56 12.24
CA THR A 12 1.95 -20.74 12.57
C THR A 12 2.72 -21.20 13.84
N ARG A 13 4.02 -20.87 13.87
CA ARG A 13 5.04 -21.03 14.91
C ARG A 13 5.74 -19.68 15.27
N TYR A 14 5.06 -18.55 15.13
CA TYR A 14 5.68 -17.30 15.52
C TYR A 14 4.96 -16.73 16.72
N SER A 15 5.70 -16.08 17.60
CA SER A 15 5.09 -15.40 18.73
C SER A 15 5.54 -13.96 18.88
N ARG A 16 6.46 -13.49 18.06
CA ARG A 16 7.00 -12.17 18.30
C ARG A 16 7.54 -11.59 17.00
N LEU A 17 7.80 -10.30 17.04
CA LEU A 17 8.44 -9.57 15.97
C LEU A 17 9.75 -9.04 16.51
N ARG A 18 10.83 -9.38 15.83
CA ARG A 18 12.13 -8.90 16.25
C ARG A 18 12.56 -7.74 15.36
N VAL A 19 13.05 -6.68 15.98
CA VAL A 19 13.63 -5.55 15.26
C VAL A 19 15.03 -5.94 14.84
N ILE A 20 15.29 -5.95 13.53
CA ILE A 20 16.65 -6.20 13.06
C ILE A 20 17.35 -4.96 12.53
N ALA A 21 16.63 -3.87 12.29
CA ALA A 21 17.26 -2.66 11.82
C ALA A 21 16.28 -1.51 12.03
N GLU A 22 16.82 -0.31 12.19
CA GLU A 22 15.98 0.84 12.48
C GLU A 22 16.65 2.06 11.86
N ILE A 23 15.91 2.82 11.08
CA ILE A 23 16.38 4.11 10.55
C ILE A 23 15.60 5.17 11.31
N ARG A 24 16.32 5.91 12.15
CA ARG A 24 15.68 6.79 13.10
C ARG A 24 15.10 8.00 12.39
N HIS A 25 14.00 8.49 12.92
CA HIS A 25 13.31 9.63 12.35
C HIS A 25 14.19 10.86 12.49
N ASN A 33 7.34 14.50 8.37
CA ASN A 33 7.54 13.38 9.27
C ASN A 33 6.77 12.15 8.80
N ILE A 34 5.55 12.07 8.39
CA ILE A 34 4.75 10.88 8.13
C ILE A 34 5.23 10.19 6.86
N VAL A 35 5.49 8.90 6.97
CA VAL A 35 5.78 8.06 5.82
C VAL A 35 4.46 7.42 5.35
N SER A 36 3.96 7.89 4.21
CA SER A 36 2.71 7.38 3.68
C SER A 36 2.85 6.02 3.04
N SER A 37 4.05 5.65 2.57
CA SER A 37 4.18 4.44 1.78
C SER A 37 5.63 3.96 1.90
N ILE A 38 5.79 2.64 2.04
CA ILE A 38 7.09 1.99 2.04
C ILE A 38 6.96 0.72 1.22
N GLU A 39 7.81 0.56 0.20
CA GLU A 39 7.60 -0.50 -0.77
C GLU A 39 8.92 -1.05 -1.30
N PHE A 40 9.00 -2.38 -1.42
CA PHE A 40 10.14 -3.05 -2.05
C PHE A 40 10.03 -2.99 -3.57
N ASP A 41 11.20 -2.95 -4.24
CA ASP A 41 11.27 -3.07 -5.69
C ASP A 41 11.01 -4.51 -6.12
N ARG A 42 11.09 -4.75 -7.44
CA ARG A 42 10.70 -6.02 -8.04
C ARG A 42 11.45 -7.21 -7.45
N ASP A 43 12.69 -7.01 -7.00
CA ASP A 43 13.54 -8.10 -6.53
C ASP A 43 13.73 -8.09 -5.02
N ASP A 44 12.98 -7.25 -4.30
CA ASP A 44 13.17 -7.06 -2.87
C ASP A 44 14.59 -6.66 -2.52
N GLU A 45 15.25 -5.92 -3.40
CA GLU A 45 16.62 -5.48 -3.15
C GLU A 45 16.68 -4.04 -2.64
N LEU A 46 15.87 -3.17 -3.20
CA LEU A 46 15.75 -1.79 -2.76
C LEU A 46 14.36 -1.59 -2.19
N PHE A 47 14.23 -0.60 -1.34
CA PHE A 47 12.90 -0.15 -0.95
C PHE A 47 12.85 1.37 -1.01
N ALA A 48 11.64 1.90 -1.10
CA ALA A 48 11.45 3.33 -1.18
C ALA A 48 10.41 3.78 -0.15
N THR A 49 10.58 5.01 0.33
CA THR A 49 9.61 5.66 1.21
C THR A 49 9.18 6.99 0.61
N ALA A 50 7.98 7.41 0.96
CA ALA A 50 7.51 8.72 0.52
C ALA A 50 6.38 9.13 1.44
N GLY A 51 6.22 10.44 1.62
CA GLY A 51 5.11 10.91 2.43
C GLY A 51 4.99 12.41 2.38
N VAL A 52 4.74 13.01 3.54
CA VAL A 52 4.46 14.44 3.59
C VAL A 52 5.69 15.30 3.37
N SER A 53 6.91 14.75 3.48
CA SER A 53 8.10 15.57 3.30
C SER A 53 8.45 15.82 1.85
N ARG A 54 7.64 15.32 0.91
CA ARG A 54 7.81 15.64 -0.52
C ARG A 54 9.14 15.16 -1.06
N CYS A 55 9.52 13.94 -0.69
CA CYS A 55 10.77 13.35 -1.17
CA CYS A 55 10.73 13.35 -1.25
C CYS A 55 10.59 11.83 -1.24
N ILE A 56 10.90 11.25 -2.39
CA ILE A 56 10.93 9.79 -2.52
C ILE A 56 12.37 9.39 -2.26
N LYS A 57 12.59 8.56 -1.24
CA LYS A 57 13.92 8.08 -0.87
C LYS A 57 14.03 6.59 -1.15
N VAL A 58 15.14 6.18 -1.75
CA VAL A 58 15.39 4.78 -2.08
C VAL A 58 16.56 4.30 -1.24
N PHE A 59 16.39 3.16 -0.57
CA PHE A 59 17.40 2.55 0.28
C PHE A 59 17.72 1.17 -0.24
N ASP A 60 18.96 0.72 0.04
CA ASP A 60 19.37 -0.64 -0.27
C ASP A 60 19.08 -1.53 0.94
N PHE A 61 18.27 -2.56 0.74
CA PHE A 61 17.82 -3.37 1.87
C PHE A 61 18.99 -4.04 2.60
N SER A 62 19.90 -4.68 1.86
CA SER A 62 21.01 -5.38 2.52
CA SER A 62 20.99 -5.38 2.54
C SER A 62 21.87 -4.42 3.31
N SER A 63 22.10 -3.22 2.78
CA SER A 63 22.88 -2.22 3.50
CA SER A 63 22.88 -2.23 3.50
C SER A 63 22.21 -1.86 4.81
N VAL A 64 20.88 -1.71 4.80
CA VAL A 64 20.17 -1.31 6.01
C VAL A 64 20.28 -2.40 7.08
N VAL A 65 20.19 -3.66 6.67
CA VAL A 65 20.25 -4.77 7.60
C VAL A 65 21.66 -5.02 8.11
N ASN A 66 22.68 -4.76 7.28
CA ASN A 66 24.05 -5.17 7.60
C ASN A 66 24.91 -4.07 8.23
N GLU A 67 24.56 -2.81 8.09
CA GLU A 67 25.46 -1.72 8.50
C GLU A 67 24.94 -1.02 9.75
N PRO A 68 25.82 -0.35 10.51
CA PRO A 68 25.37 0.36 11.71
C PRO A 68 24.44 1.51 11.36
N ALA A 69 23.60 1.87 12.33
CA ALA A 69 22.57 2.89 12.10
C ALA A 69 23.19 4.22 11.71
N ASP A 70 24.37 4.54 12.25
CA ASP A 70 25.03 5.81 11.97
C ASP A 70 25.47 5.94 10.52
N MET A 71 25.46 4.85 9.75
CA MET A 71 25.89 4.87 8.36
C MET A 71 24.73 4.72 7.37
N GLN A 72 23.53 4.95 7.83
CA GLN A 72 22.37 4.73 6.97
CA GLN A 72 22.33 4.64 6.99
C GLN A 72 22.17 5.91 6.03
N CYS A 73 21.87 5.83 4.81
CA CYS A 73 21.76 6.93 3.86
C CYS A 73 21.04 6.43 2.61
N PRO A 74 20.04 7.15 2.09
CA PRO A 74 19.41 6.73 0.84
C PRO A 74 20.42 6.73 -0.30
N ILE A 75 20.19 5.81 -1.25
CA ILE A 75 20.97 5.80 -2.48
C ILE A 75 20.38 6.70 -3.56
N VAL A 76 19.11 7.10 -3.44
CA VAL A 76 18.45 8.05 -4.33
C VAL A 76 17.50 8.89 -3.49
N GLU A 77 17.42 10.19 -3.78
CA GLU A 77 16.40 11.07 -3.23
C GLU A 77 15.84 11.90 -4.37
N MET A 78 14.52 11.90 -4.52
CA MET A 78 13.84 12.65 -5.57
C MET A 78 12.81 13.56 -4.91
N SER A 79 13.02 14.88 -4.99
CA SER A 79 12.08 15.85 -4.44
C SER A 79 10.84 15.92 -5.33
N THR A 80 9.69 16.17 -4.70
CA THR A 80 8.43 16.18 -5.42
C THR A 80 7.69 17.50 -5.20
N ARG A 81 6.74 17.76 -6.10
CA ARG A 81 5.96 18.99 -6.00
C ARG A 81 4.97 18.96 -4.85
N SER A 82 4.45 17.78 -4.51
CA SER A 82 3.37 17.65 -3.56
CA SER A 82 3.33 17.56 -3.53
C SER A 82 3.63 16.48 -2.61
N LYS A 83 2.90 16.50 -1.50
CA LYS A 83 2.95 15.39 -0.54
C LYS A 83 2.51 14.11 -1.25
N LEU A 84 3.14 13.00 -0.87
CA LEU A 84 2.88 11.72 -1.51
C LEU A 84 1.97 10.86 -0.65
N SER A 85 1.07 10.13 -1.32
CA SER A 85 0.17 9.20 -0.64
CA SER A 85 0.18 9.21 -0.61
C SER A 85 0.52 7.73 -0.83
N CYS A 86 1.20 7.37 -1.91
CA CYS A 86 1.38 5.95 -2.25
C CYS A 86 2.50 5.82 -3.27
N LEU A 87 3.19 4.68 -3.20
CA LEU A 87 4.22 4.28 -4.14
C LEU A 87 3.90 2.89 -4.67
N SER A 88 4.32 2.64 -5.90
CA SER A 88 4.23 1.29 -6.46
C SER A 88 5.37 1.11 -7.45
N TRP A 89 6.27 0.16 -7.19
CA TRP A 89 7.35 -0.13 -8.13
C TRP A 89 6.83 -0.91 -9.33
N ASN A 90 7.47 -0.67 -10.48
CA ASN A 90 7.16 -1.46 -11.66
C ASN A 90 7.70 -2.89 -11.49
N LYS A 91 6.94 -3.86 -11.98
CA LYS A 91 7.29 -5.25 -11.77
C LYS A 91 8.17 -5.80 -12.86
N HIS A 92 8.43 -5.05 -13.90
CA HIS A 92 9.28 -5.49 -14.98
C HIS A 92 10.47 -4.59 -15.16
N GLU A 93 10.25 -3.27 -15.22
CA GLU A 93 11.31 -2.28 -15.25
C GLU A 93 11.77 -2.03 -13.82
N LYS A 94 12.91 -2.64 -13.47
CA LYS A 94 13.41 -2.63 -12.10
C LYS A 94 13.47 -1.22 -11.52
N ASN A 95 13.84 -0.26 -12.34
CA ASN A 95 14.20 1.05 -11.85
C ASN A 95 13.07 2.05 -11.92
N HIS A 96 11.86 1.64 -12.25
CA HIS A 96 10.74 2.56 -12.34
C HIS A 96 9.81 2.42 -11.14
N ILE A 97 9.36 3.56 -10.64
CA ILE A 97 8.46 3.58 -9.50
C ILE A 97 7.39 4.65 -9.73
N ALA A 98 6.14 4.33 -9.40
CA ALA A 98 5.06 5.30 -9.50
C ALA A 98 4.73 5.87 -8.14
N SER A 99 4.30 7.13 -8.14
CA SER A 99 3.77 7.79 -6.95
C SER A 99 2.43 8.41 -7.25
N SER A 100 1.55 8.48 -6.25
CA SER A 100 0.34 9.30 -6.30
C SER A 100 0.49 10.41 -5.27
N ASP A 101 -0.02 11.60 -5.59
CA ASP A 101 0.19 12.75 -4.71
C ASP A 101 -1.12 13.46 -4.37
N TYR A 102 -0.99 14.42 -3.46
CA TYR A 102 -2.14 15.11 -2.91
C TYR A 102 -2.73 16.15 -3.85
N GLU A 103 -2.10 16.41 -4.98
CA GLU A 103 -2.73 17.17 -6.04
C GLU A 103 -3.41 16.26 -7.06
N GLY A 104 -3.36 14.95 -6.86
CA GLY A 104 -4.01 14.02 -7.76
C GLY A 104 -3.10 13.52 -8.85
N ILE A 105 -1.84 13.97 -8.89
CA ILE A 105 -0.94 13.61 -9.97
C ILE A 105 -0.34 12.24 -9.71
N VAL A 106 -0.29 11.43 -10.77
CA VAL A 106 0.32 10.11 -10.75
C VAL A 106 1.58 10.22 -11.59
N THR A 107 2.74 9.98 -11.00
CA THR A 107 4.02 10.18 -11.68
C THR A 107 4.78 8.86 -11.71
N VAL A 108 5.36 8.54 -12.86
CA VAL A 108 6.30 7.42 -12.95
C VAL A 108 7.69 7.99 -13.01
N TRP A 109 8.59 7.50 -12.15
CA TRP A 109 9.95 7.98 -11.99
C TRP A 109 10.96 6.92 -12.38
N ASP A 110 12.09 7.37 -12.89
CA ASP A 110 13.25 6.50 -13.14
C ASP A 110 14.24 6.78 -12.03
N VAL A 111 14.45 5.80 -11.13
CA VAL A 111 15.35 6.02 -9.99
C VAL A 111 16.81 6.08 -10.40
N THR A 112 17.15 5.65 -11.62
CA THR A 112 18.51 5.77 -12.12
C THR A 112 18.84 7.20 -12.49
N THR A 113 17.96 7.85 -13.26
CA THR A 113 18.17 9.22 -13.72
C THR A 113 17.58 10.24 -12.78
N ARG A 114 16.72 9.82 -11.83
CA ARG A 114 15.97 10.69 -10.93
C ARG A 114 14.92 11.53 -11.65
N GLN A 115 14.64 11.26 -12.91
CA GLN A 115 13.69 12.08 -13.65
C GLN A 115 12.30 11.45 -13.66
N SER A 116 11.29 12.29 -13.77
CA SER A 116 9.96 11.76 -14.07
C SER A 116 9.90 11.32 -15.53
N LEU A 117 9.33 10.14 -15.74
CA LEU A 117 9.08 9.58 -17.07
C LEU A 117 7.70 9.95 -17.60
N MET A 118 6.68 9.90 -16.73
CA MET A 118 5.31 10.26 -17.08
C MET A 118 4.72 11.06 -15.93
N GLU A 119 3.92 12.06 -16.26
CA GLU A 119 3.17 12.83 -15.28
C GLU A 119 1.71 12.81 -15.72
N TYR A 120 0.87 12.09 -15.01
CA TYR A 120 -0.53 11.93 -15.38
C TYR A 120 -1.36 12.84 -14.49
N GLU A 121 -2.03 13.82 -15.09
CA GLU A 121 -2.57 14.96 -14.33
C GLU A 121 -4.09 15.11 -14.38
N GLU A 122 -4.84 14.05 -14.66
CA GLU A 122 -6.27 14.18 -14.92
C GLU A 122 -7.11 14.20 -13.64
N HIS A 123 -6.68 13.55 -12.57
CA HIS A 123 -7.48 13.56 -11.35
C HIS A 123 -7.64 15.01 -10.87
N GLU A 124 -8.81 15.31 -10.30
CA GLU A 124 -9.12 16.66 -9.87
C GLU A 124 -8.97 16.88 -8.37
N LYS A 125 -8.70 15.82 -7.60
CA LYS A 125 -8.43 15.90 -6.18
C LYS A 125 -7.34 14.89 -5.87
N ARG A 126 -6.88 14.90 -4.61
CA ARG A 126 -5.83 14.00 -4.19
C ARG A 126 -6.09 12.58 -4.64
N ALA A 127 -5.03 11.91 -5.06
CA ALA A 127 -5.08 10.51 -5.40
C ALA A 127 -4.51 9.76 -4.20
N TRP A 128 -5.23 8.79 -3.69
CA TRP A 128 -4.80 8.10 -2.47
C TRP A 128 -3.93 6.89 -2.74
N SER A 129 -3.98 6.31 -3.92
CA SER A 129 -3.26 5.07 -4.21
C SER A 129 -2.92 5.03 -5.69
N VAL A 130 -1.85 4.29 -5.96
CA VAL A 130 -1.44 3.92 -7.32
C VAL A 130 -0.91 2.49 -7.24
N ASP A 131 -1.14 1.70 -8.30
CA ASP A 131 -0.68 0.31 -8.33
C ASP A 131 -0.27 -0.05 -9.73
N PHE A 132 0.96 -0.53 -9.89
CA PHE A 132 1.41 -1.11 -11.16
C PHE A 132 1.01 -2.58 -11.22
N SER A 133 0.44 -3.00 -12.36
CA SER A 133 0.08 -4.38 -12.56
C SER A 133 1.31 -5.28 -12.64
N ARG A 134 1.21 -6.47 -12.03
CA ARG A 134 2.30 -7.44 -12.13
C ARG A 134 2.34 -8.12 -13.50
N THR A 135 1.17 -8.44 -14.08
CA THR A 135 1.16 -9.27 -15.27
C THR A 135 1.13 -8.48 -16.59
N GLU A 136 0.68 -7.23 -16.57
CA GLU A 136 0.82 -6.34 -17.72
C GLU A 136 1.52 -5.11 -17.16
N PRO A 137 2.85 -5.14 -17.10
CA PRO A 137 3.55 -4.19 -16.24
C PRO A 137 3.58 -2.75 -16.73
N SER A 138 3.09 -2.47 -17.95
CA SER A 138 2.93 -1.10 -18.37
C SER A 138 1.63 -0.48 -17.88
N MET A 139 0.75 -1.25 -17.24
CA MET A 139 -0.52 -0.74 -16.75
C MET A 139 -0.44 -0.36 -15.28
N LEU A 140 -1.03 0.79 -14.96
CA LEU A 140 -1.10 1.25 -13.58
C LEU A 140 -2.45 1.88 -13.34
N VAL A 141 -2.93 1.79 -12.11
CA VAL A 141 -4.28 2.24 -11.76
C VAL A 141 -4.21 3.15 -10.54
N SER A 142 -5.03 4.18 -10.53
CA SER A 142 -5.08 5.13 -9.42
C SER A 142 -6.53 5.39 -9.02
N GLY A 143 -6.70 5.84 -7.79
CA GLY A 143 -8.02 6.26 -7.32
C GLY A 143 -7.90 7.52 -6.50
N SER A 144 -8.99 8.29 -6.46
CA SER A 144 -8.92 9.65 -5.97
C SER A 144 -10.19 10.06 -5.21
N ASP A 145 -10.04 11.12 -4.42
CA ASP A 145 -11.20 11.81 -3.84
C ASP A 145 -12.14 12.37 -4.91
N ASP A 146 -11.69 12.52 -6.16
CA ASP A 146 -12.58 12.94 -7.23
C ASP A 146 -13.56 11.84 -7.63
N CYS A 147 -13.52 10.68 -6.97
CA CYS A 147 -14.48 9.60 -7.20
C CYS A 147 -14.28 8.90 -8.53
N LYS A 148 -13.07 8.98 -9.10
CA LYS A 148 -12.73 8.29 -10.33
C LYS A 148 -11.62 7.28 -10.11
N VAL A 149 -11.77 6.14 -10.76
CA VAL A 149 -10.67 5.19 -10.98
C VAL A 149 -10.13 5.49 -12.36
N LYS A 150 -8.82 5.65 -12.47
CA LYS A 150 -8.18 5.84 -13.76
C LYS A 150 -7.15 4.75 -14.00
N VAL A 151 -7.23 4.12 -15.17
CA VAL A 151 -6.22 3.16 -15.60
C VAL A 151 -5.37 3.84 -16.65
N TRP A 152 -4.07 3.69 -16.51
CA TRP A 152 -3.07 4.33 -17.34
C TRP A 152 -2.17 3.28 -17.95
N CYS A 153 -1.63 3.55 -19.13
CA CYS A 153 -0.57 2.74 -19.72
C CYS A 153 0.65 3.62 -19.91
N THR A 154 1.83 3.11 -19.54
CA THR A 154 3.02 3.93 -19.63
C THR A 154 3.39 4.31 -21.06
N ARG A 155 2.80 3.66 -22.08
CA ARG A 155 3.04 4.03 -23.47
C ARG A 155 2.13 5.14 -23.97
N GLN A 156 1.19 5.63 -23.14
CA GLN A 156 0.21 6.62 -23.58
C GLN A 156 0.09 7.73 -22.54
N GLU A 157 -0.07 8.96 -23.03
CA GLU A 157 -0.16 10.09 -22.11
C GLU A 157 -1.54 10.25 -21.47
N ALA A 158 -2.60 9.83 -22.16
CA ALA A 158 -3.96 9.98 -21.63
C ALA A 158 -4.43 8.67 -20.98
N SER A 159 -5.29 8.80 -19.96
CA SER A 159 -5.84 7.60 -19.33
C SER A 159 -6.54 6.74 -20.36
N VAL A 160 -6.53 5.43 -20.12
CA VAL A 160 -7.14 4.49 -21.06
C VAL A 160 -8.49 3.99 -20.60
N ILE A 161 -8.73 3.96 -19.29
CA ILE A 161 -10.04 3.60 -18.74
C ILE A 161 -10.35 4.55 -17.60
N ASN A 162 -11.60 4.99 -17.52
CA ASN A 162 -12.08 5.83 -16.42
C ASN A 162 -13.36 5.21 -15.89
N ILE A 163 -13.43 5.02 -14.57
CA ILE A 163 -14.65 4.54 -13.92
C ILE A 163 -15.15 5.65 -13.01
N ASP A 164 -16.37 6.14 -13.25
CA ASP A 164 -16.99 7.14 -12.40
C ASP A 164 -17.73 6.42 -11.27
N MET A 165 -17.34 6.71 -10.04
CA MET A 165 -17.97 6.08 -8.90
C MET A 165 -18.70 7.12 -8.05
N LYS A 166 -19.52 6.61 -7.13
CA LYS A 166 -20.36 7.49 -6.33
C LYS A 166 -19.59 8.13 -5.19
N ALA A 167 -18.61 7.45 -4.63
CA ALA A 167 -17.93 7.89 -3.41
C ALA A 167 -16.41 7.94 -3.61
N ASN A 168 -15.72 8.57 -2.65
CA ASN A 168 -14.26 8.70 -2.73
C ASN A 168 -13.62 7.34 -2.82
N ILE A 169 -12.57 7.24 -3.62
CA ILE A 169 -11.82 6.00 -3.77
C ILE A 169 -10.57 6.09 -2.90
N CYS A 170 -10.46 5.17 -1.94
CA CYS A 170 -9.34 5.18 -1.01
C CYS A 170 -8.21 4.28 -1.44
N CYS A 171 -8.48 3.26 -2.25
CA CYS A 171 -7.45 2.31 -2.62
CA CYS A 171 -7.44 2.33 -2.64
C CYS A 171 -7.87 1.57 -3.87
N VAL A 172 -6.89 1.27 -4.73
CA VAL A 172 -7.13 0.40 -5.88
C VAL A 172 -5.96 -0.57 -5.97
N LYS A 173 -6.22 -1.83 -6.31
CA LYS A 173 -5.18 -2.82 -6.47
C LYS A 173 -5.53 -3.79 -7.59
N TYR A 174 -4.54 -4.08 -8.44
CA TYR A 174 -4.70 -5.12 -9.47
C TYR A 174 -4.65 -6.51 -8.86
N ASN A 175 -5.49 -7.40 -9.40
CA ASN A 175 -5.32 -8.82 -9.13
C ASN A 175 -3.92 -9.25 -9.56
N PRO A 176 -3.26 -10.14 -8.83
CA PRO A 176 -1.88 -10.51 -9.16
C PRO A 176 -1.73 -11.42 -10.36
N GLY A 177 -2.82 -12.03 -10.84
CA GLY A 177 -2.73 -12.98 -11.94
C GLY A 177 -3.30 -12.45 -13.23
N SER A 178 -3.98 -11.31 -13.22
CA SER A 178 -4.58 -10.77 -14.44
C SER A 178 -4.80 -9.29 -14.30
N SER A 179 -4.38 -8.53 -15.32
CA SER A 179 -4.58 -7.09 -15.36
C SER A 179 -6.00 -6.71 -15.71
N ASN A 180 -6.91 -7.67 -15.86
CA ASN A 180 -8.29 -7.32 -16.13
C ASN A 180 -9.12 -7.07 -14.88
N TYR A 181 -8.62 -7.35 -13.68
CA TYR A 181 -9.42 -7.18 -12.46
C TYR A 181 -8.74 -6.24 -11.48
N ILE A 182 -9.54 -5.33 -10.93
CA ILE A 182 -9.08 -4.44 -9.86
C ILE A 182 -10.07 -4.48 -8.71
N ALA A 183 -9.53 -4.43 -7.50
CA ALA A 183 -10.32 -4.19 -6.29
C ALA A 183 -10.26 -2.71 -5.97
N VAL A 184 -11.41 -2.13 -5.66
CA VAL A 184 -11.54 -0.70 -5.38
C VAL A 184 -12.12 -0.58 -3.97
N GLY A 185 -11.33 -0.06 -3.04
CA GLY A 185 -11.84 0.20 -1.69
C GLY A 185 -12.37 1.62 -1.58
N SER A 186 -13.60 1.73 -1.09
CA SER A 186 -14.35 2.97 -1.20
C SER A 186 -14.69 3.55 0.17
N ALA A 187 -14.85 4.88 0.18
CA ALA A 187 -15.41 5.58 1.33
C ALA A 187 -16.84 5.16 1.62
N ASP A 188 -17.50 4.46 0.70
CA ASP A 188 -18.87 3.97 0.92
C ASP A 188 -18.91 2.66 1.70
N HIS A 189 -17.77 2.16 2.17
CA HIS A 189 -17.61 1.00 3.07
C HIS A 189 -17.51 -0.32 2.33
N HIS A 190 -17.52 -0.31 0.99
CA HIS A 190 -17.53 -1.55 0.22
C HIS A 190 -16.28 -1.67 -0.62
N ILE A 191 -16.00 -2.92 -0.99
CA ILE A 191 -14.98 -3.19 -2.02
C ILE A 191 -15.74 -3.45 -3.31
N HIS A 192 -15.43 -2.67 -4.34
CA HIS A 192 -16.04 -2.84 -5.65
C HIS A 192 -15.00 -3.56 -6.50
N TYR A 193 -15.33 -4.77 -6.94
CA TYR A 193 -14.39 -5.59 -7.70
C TYR A 193 -14.79 -5.55 -9.18
N TYR A 194 -13.92 -5.00 -10.01
CA TYR A 194 -14.24 -4.74 -11.41
C TYR A 194 -13.47 -5.63 -12.37
N ASP A 195 -14.15 -6.01 -13.44
CA ASP A 195 -13.52 -6.49 -14.67
C ASP A 195 -13.43 -5.27 -15.57
N LEU A 196 -12.21 -4.82 -15.85
CA LEU A 196 -11.94 -3.63 -16.66
C LEU A 196 -12.42 -3.76 -18.11
N ARG A 197 -12.76 -4.99 -18.54
CA ARG A 197 -13.33 -5.20 -19.88
C ARG A 197 -14.82 -4.89 -19.93
N ASN A 198 -15.46 -4.66 -18.79
CA ASN A 198 -16.88 -4.30 -18.79
C ASN A 198 -17.14 -3.49 -17.52
N ILE A 199 -16.91 -2.18 -17.61
CA ILE A 199 -17.00 -1.33 -16.42
C ILE A 199 -18.41 -0.80 -16.18
N SER A 200 -19.40 -1.27 -16.96
CA SER A 200 -20.78 -0.84 -16.74
C SER A 200 -21.26 -1.18 -15.34
N GLN A 201 -20.73 -2.25 -14.76
CA GLN A 201 -21.11 -2.68 -13.41
C GLN A 201 -19.94 -3.46 -12.84
N PRO A 202 -19.73 -3.43 -11.54
CA PRO A 202 -18.69 -4.29 -10.95
C PRO A 202 -19.07 -5.75 -11.10
N LEU A 203 -18.06 -6.61 -11.07
CA LEU A 203 -18.31 -8.03 -10.96
C LEU A 203 -19.04 -8.34 -9.67
N HIS A 204 -18.68 -7.65 -8.59
CA HIS A 204 -19.25 -7.92 -7.29
C HIS A 204 -18.89 -6.74 -6.38
N VAL A 205 -19.76 -6.50 -5.41
CA VAL A 205 -19.54 -5.49 -4.38
C VAL A 205 -19.53 -6.20 -3.05
N PHE A 206 -18.39 -6.15 -2.35
CA PHE A 206 -18.22 -6.84 -1.08
C PHE A 206 -18.61 -5.91 0.05
N SER A 207 -19.64 -6.29 0.80
CA SER A 207 -20.13 -5.47 1.91
C SER A 207 -19.86 -6.18 3.23
N GLY A 208 -19.79 -5.38 4.29
CA GLY A 208 -19.52 -5.93 5.60
C GLY A 208 -18.79 -4.96 6.51
N HIS A 209 -17.82 -4.23 5.97
CA HIS A 209 -17.16 -3.22 6.78
C HIS A 209 -18.15 -2.16 7.23
N LYS A 210 -17.91 -1.63 8.42
CA LYS A 210 -18.80 -0.62 9.00
C LYS A 210 -18.33 0.79 8.66
N LYS A 211 -17.15 0.93 8.06
CA LYS A 211 -16.57 2.23 7.75
C LYS A 211 -15.81 2.10 6.44
N ALA A 212 -15.21 3.21 6.00
CA ALA A 212 -14.48 3.23 4.74
C ALA A 212 -13.46 2.10 4.66
N VAL A 213 -13.23 1.64 3.44
CA VAL A 213 -12.19 0.65 3.15
C VAL A 213 -10.94 1.41 2.71
N SER A 214 -9.89 1.32 3.52
CA SER A 214 -8.69 2.13 3.32
C SER A 214 -7.65 1.43 2.47
N TYR A 215 -7.60 0.09 2.48
CA TYR A 215 -6.65 -0.64 1.64
C TYR A 215 -7.30 -1.92 1.12
N VAL A 216 -6.82 -2.35 -0.05
CA VAL A 216 -7.13 -3.67 -0.60
C VAL A 216 -5.84 -4.26 -1.14
N LYS A 217 -5.56 -5.52 -0.77
CA LYS A 217 -4.35 -6.22 -1.17
C LYS A 217 -4.68 -7.69 -1.36
N PHE A 218 -4.06 -8.34 -2.34
CA PHE A 218 -4.36 -9.74 -2.65
C PHE A 218 -3.29 -10.65 -2.04
N LEU A 219 -3.75 -11.70 -1.36
CA LEU A 219 -2.83 -12.77 -0.95
C LEU A 219 -2.49 -13.73 -2.09
N SER A 220 -3.40 -13.87 -3.04
CA SER A 220 -3.25 -14.80 -4.16
C SER A 220 -4.27 -14.38 -5.22
N ASN A 221 -4.35 -15.16 -6.31
CA ASN A 221 -5.30 -14.81 -7.37
C ASN A 221 -6.74 -14.71 -6.88
N ASN A 222 -7.13 -15.53 -5.90
CA ASN A 222 -8.51 -15.60 -5.49
C ASN A 222 -8.76 -15.07 -4.09
N GLU A 223 -7.73 -14.66 -3.38
CA GLU A 223 -7.86 -14.22 -1.99
C GLU A 223 -7.57 -12.72 -1.90
N LEU A 224 -8.56 -11.96 -1.46
CA LEU A 224 -8.44 -10.50 -1.35
C LEU A 224 -8.60 -10.10 0.11
N ALA A 225 -7.73 -9.24 0.59
CA ALA A 225 -7.85 -8.68 1.92
C ALA A 225 -8.18 -7.20 1.82
N SER A 226 -8.90 -6.72 2.82
CA SER A 226 -9.18 -5.31 2.96
C SER A 226 -8.86 -4.87 4.37
N ALA A 227 -8.53 -3.57 4.51
CA ALA A 227 -8.46 -2.91 5.81
C ALA A 227 -9.49 -1.81 5.80
N SER A 228 -10.00 -1.49 6.98
CA SER A 228 -11.03 -0.48 7.11
C SER A 228 -10.85 0.26 8.43
N THR A 229 -11.37 1.48 8.46
CA THR A 229 -11.32 2.28 9.68
C THR A 229 -12.42 1.88 10.67
N ASP A 230 -12.95 0.66 10.54
CA ASP A 230 -13.73 0.02 11.57
C ASP A 230 -12.89 -0.90 12.46
N SER A 231 -11.55 -0.75 12.44
CA SER A 231 -10.65 -1.58 13.26
C SER A 231 -10.74 -3.06 12.89
N THR A 232 -11.02 -3.36 11.62
CA THR A 232 -10.94 -4.74 11.15
C THR A 232 -10.15 -4.83 9.85
N LEU A 233 -9.53 -5.99 9.67
CA LEU A 233 -9.18 -6.47 8.35
C LEU A 233 -10.19 -7.54 7.99
N ARG A 234 -10.41 -7.74 6.69
CA ARG A 234 -11.31 -8.80 6.24
C ARG A 234 -10.70 -9.53 5.05
N LEU A 235 -11.01 -10.81 4.96
CA LEU A 235 -10.56 -11.66 3.88
C LEU A 235 -11.78 -12.08 3.05
N TRP A 236 -11.62 -12.09 1.73
CA TRP A 236 -12.71 -12.32 0.79
C TRP A 236 -12.22 -13.27 -0.29
N ASP A 237 -13.17 -13.99 -0.87
CA ASP A 237 -12.90 -14.91 -1.97
C ASP A 237 -13.47 -14.26 -3.22
N VAL A 238 -12.57 -13.90 -4.16
CA VAL A 238 -12.99 -13.22 -5.39
C VAL A 238 -13.22 -14.19 -6.53
N LYS A 239 -13.10 -15.50 -6.30
CA LYS A 239 -13.56 -16.45 -7.30
C LYS A 239 -15.05 -16.73 -7.13
N ASP A 240 -15.48 -16.99 -5.89
CA ASP A 240 -16.87 -17.30 -5.59
C ASP A 240 -17.63 -16.15 -4.92
N ASN A 241 -16.99 -15.00 -4.68
CA ASN A 241 -17.67 -13.79 -4.22
C ASN A 241 -18.30 -13.98 -2.85
N LEU A 242 -17.46 -14.30 -1.89
CA LEU A 242 -17.91 -14.62 -0.54
C LEU A 242 -17.00 -13.98 0.50
N PRO A 243 -17.55 -13.58 1.64
CA PRO A 243 -16.71 -13.25 2.80
C PRO A 243 -16.09 -14.52 3.39
N VAL A 244 -14.87 -14.39 3.91
CA VAL A 244 -14.15 -15.52 4.48
C VAL A 244 -13.87 -15.34 5.96
N ARG A 245 -13.33 -14.19 6.37
CA ARG A 245 -12.88 -14.03 7.75
C ARG A 245 -12.74 -12.56 8.09
N THR A 246 -12.91 -12.24 9.37
CA THR A 246 -12.71 -10.90 9.89
C THR A 246 -11.64 -10.97 10.97
N PHE A 247 -10.69 -10.03 10.94
CA PHE A 247 -9.58 -9.98 11.88
C PHE A 247 -9.72 -8.77 12.78
N ARG A 248 -9.54 -8.97 14.08
CA ARG A 248 -9.69 -7.91 15.06
C ARG A 248 -8.55 -7.95 16.07
N GLY A 249 -8.26 -6.78 16.63
CA GLY A 249 -7.22 -6.68 17.65
C GLY A 249 -6.48 -5.36 17.65
N HIS A 250 -6.45 -4.71 16.48
CA HIS A 250 -5.75 -3.44 16.33
C HIS A 250 -6.77 -2.29 16.39
N THR A 251 -6.25 -1.08 16.55
CA THR A 251 -7.07 0.13 16.59
C THR A 251 -6.83 0.93 15.31
N ASN A 252 -7.88 1.10 14.50
CA ASN A 252 -7.76 1.91 13.30
C ASN A 252 -9.14 2.48 13.00
N GLU A 253 -9.36 3.72 13.43
CA GLU A 253 -10.65 4.39 13.30
C GLU A 253 -10.58 5.67 12.49
N LYS A 254 -9.37 6.10 12.08
CA LYS A 254 -9.22 7.41 11.48
C LYS A 254 -8.33 7.43 10.24
N ASN A 255 -7.12 6.87 10.35
CA ASN A 255 -6.05 7.13 9.40
C ASN A 255 -5.79 5.96 8.46
N PHE A 256 -5.11 6.28 7.35
CA PHE A 256 -4.42 5.26 6.58
C PHE A 256 -3.23 4.77 7.41
N VAL A 257 -3.26 3.52 7.87
CA VAL A 257 -2.21 3.00 8.75
C VAL A 257 -1.42 1.86 8.13
N GLY A 258 -1.70 1.51 6.87
CA GLY A 258 -0.93 0.50 6.15
C GLY A 258 -1.53 -0.90 6.24
N LEU A 259 -1.47 -1.61 5.10
CA LEU A 259 -1.84 -3.01 5.03
C LEU A 259 -0.87 -3.69 4.09
N THR A 260 -0.37 -4.85 4.49
CA THR A 260 0.45 -5.65 3.59
C THR A 260 0.12 -7.12 3.81
N VAL A 261 0.04 -7.88 2.72
CA VAL A 261 -0.30 -9.30 2.83
C VAL A 261 0.65 -10.10 1.98
N ASN A 262 0.78 -11.38 2.31
CA ASN A 262 1.52 -12.31 1.46
C ASN A 262 0.68 -13.58 1.38
N SER A 263 1.31 -14.71 1.06
CA SER A 263 0.55 -15.94 0.85
CA SER A 263 0.55 -15.93 0.84
C SER A 263 -0.18 -16.38 2.12
N GLU A 264 0.39 -16.09 3.30
CA GLU A 264 -0.19 -16.61 4.54
C GLU A 264 -0.53 -15.56 5.59
N TYR A 265 0.03 -14.36 5.52
CA TYR A 265 -0.05 -13.40 6.61
C TYR A 265 -0.58 -12.05 6.15
N LEU A 266 -1.19 -11.35 7.10
CA LEU A 266 -1.61 -9.96 6.94
C LEU A 266 -0.91 -9.18 8.03
N ALA A 267 -0.42 -7.98 7.69
CA ALA A 267 0.10 -7.07 8.70
C ALA A 267 -0.51 -5.70 8.46
N CYS A 268 -0.73 -4.97 9.55
CA CYS A 268 -1.34 -3.66 9.42
C CYS A 268 -0.81 -2.77 10.52
N GLY A 269 -0.95 -1.47 10.32
CA GLY A 269 -0.67 -0.52 11.37
C GLY A 269 -1.83 -0.34 12.35
N SER A 270 -1.64 0.64 13.22
CA SER A 270 -2.67 0.98 14.19
CA SER A 270 -2.63 0.95 14.25
C SER A 270 -2.38 2.37 14.72
N GLU A 271 -3.41 2.97 15.33
CA GLU A 271 -3.32 4.30 15.90
C GLU A 271 -2.73 4.29 17.29
N THR A 272 -2.34 3.12 17.79
CA THR A 272 -1.59 3.00 19.04
C THR A 272 -0.10 2.82 18.80
N ASN A 273 0.37 3.13 17.59
CA ASN A 273 1.80 3.06 17.27
C ASN A 273 2.30 1.61 17.31
N GLU A 274 1.45 0.66 16.97
CA GLU A 274 1.78 -0.76 16.98
C GLU A 274 1.54 -1.38 15.61
N VAL A 275 2.46 -2.25 15.18
CA VAL A 275 2.28 -3.09 14.00
C VAL A 275 1.67 -4.40 14.47
N TYR A 276 0.64 -4.87 13.78
CA TYR A 276 -0.01 -6.13 14.10
C TYR A 276 0.18 -7.11 12.94
N VAL A 277 0.30 -8.41 13.30
CA VAL A 277 0.42 -9.49 12.32
C VAL A 277 -0.67 -10.51 12.61
N TYR A 278 -1.39 -10.90 11.56
CA TYR A 278 -2.40 -11.94 11.62
C TYR A 278 -1.99 -13.05 10.65
N HIS A 279 -2.22 -14.29 11.05
CA HIS A 279 -2.23 -15.36 10.08
C HIS A 279 -3.61 -15.41 9.47
N LYS A 280 -3.68 -15.68 8.16
CA LYS A 280 -4.94 -15.56 7.45
C LYS A 280 -6.02 -16.50 7.97
N GLU A 281 -5.65 -17.55 8.72
CA GLU A 281 -6.61 -18.54 9.19
C GLU A 281 -7.09 -18.30 10.60
N ILE A 282 -6.59 -17.25 11.29
CA ILE A 282 -6.84 -16.99 12.70
C ILE A 282 -7.31 -15.55 12.87
N THR A 283 -8.39 -15.36 13.62
CA THR A 283 -9.05 -14.05 13.71
C THR A 283 -8.36 -13.05 14.65
N ARG A 284 -7.54 -13.50 15.59
CA ARG A 284 -6.85 -12.61 16.52
C ARG A 284 -5.36 -12.55 16.18
N PRO A 285 -4.67 -11.47 16.56
CA PRO A 285 -3.27 -11.32 16.11
C PRO A 285 -2.37 -12.45 16.60
N VAL A 286 -1.43 -12.84 15.74
CA VAL A 286 -0.36 -13.71 16.21
C VAL A 286 0.60 -12.94 17.10
N THR A 287 0.89 -11.68 16.76
CA THR A 287 1.81 -10.88 17.56
C THR A 287 1.68 -9.43 17.13
N SER A 288 2.40 -8.56 17.83
CA SER A 288 2.44 -7.15 17.48
C SER A 288 3.76 -6.58 17.97
N HIS A 289 4.09 -5.39 17.47
CA HIS A 289 5.29 -4.67 17.89
C HIS A 289 4.94 -3.21 18.13
N ARG A 290 5.32 -2.68 19.29
CA ARG A 290 5.07 -1.29 19.63
C ARG A 290 6.29 -0.44 19.27
N PHE A 291 6.11 0.57 18.43
CA PHE A 291 7.14 1.57 18.20
C PHE A 291 7.20 2.48 19.43
N GLY A 292 8.27 3.25 19.55
CA GLY A 292 8.36 4.24 20.61
C GLY A 292 9.66 4.21 21.38
N TYR A 306 1.10 8.98 18.03
CA TYR A 306 1.82 8.44 16.87
C TYR A 306 1.04 7.26 16.32
N PHE A 307 1.08 7.08 15.00
CA PHE A 307 0.43 5.94 14.37
C PHE A 307 1.38 5.29 13.38
N ILE A 308 1.28 3.97 13.25
CA ILE A 308 1.96 3.31 12.14
C ILE A 308 1.30 3.79 10.87
N SER A 309 2.13 4.04 9.83
CA SER A 309 1.63 4.67 8.62
C SER A 309 1.91 3.87 7.36
N ALA A 310 2.83 2.90 7.39
CA ALA A 310 3.12 2.13 6.19
C ALA A 310 3.76 0.82 6.58
N VAL A 311 3.43 -0.27 5.86
CA VAL A 311 4.00 -1.59 6.12
C VAL A 311 4.17 -2.30 4.78
N CYS A 312 5.16 -3.19 4.71
CA CYS A 312 5.39 -3.97 3.48
C CYS A 312 6.15 -5.26 3.79
N TRP A 313 5.52 -6.41 3.57
CA TRP A 313 6.25 -7.67 3.66
C TRP A 313 7.35 -7.73 2.59
N LYS A 314 8.42 -8.45 2.92
CA LYS A 314 9.42 -8.87 1.92
C LYS A 314 8.93 -10.18 1.34
N SER A 315 8.08 -10.04 0.32
CA SER A 315 7.44 -11.17 -0.35
C SER A 315 6.82 -12.15 0.65
N ASP A 316 7.07 -13.46 0.50
CA ASP A 316 6.45 -14.44 1.39
C ASP A 316 7.29 -14.72 2.63
N SER A 317 8.30 -13.94 2.91
CA SER A 317 9.15 -14.24 4.04
C SER A 317 8.54 -13.66 5.32
N PRO A 318 9.17 -13.96 6.40
CA PRO A 318 8.73 -13.36 7.67
C PRO A 318 9.31 -11.98 7.93
N THR A 319 10.04 -11.40 6.98
CA THR A 319 10.65 -10.08 7.12
C THR A 319 9.71 -9.03 6.55
N MET A 320 9.64 -7.87 7.24
CA MET A 320 8.72 -6.79 6.89
C MET A 320 9.39 -5.45 7.10
N LEU A 321 9.01 -4.49 6.26
CA LEU A 321 9.34 -3.09 6.49
C LEU A 321 8.15 -2.41 7.15
N THR A 322 8.43 -1.47 8.06
CA THR A 322 7.40 -0.72 8.76
C THR A 322 7.85 0.72 8.91
N ALA A 323 6.89 1.64 8.98
CA ALA A 323 7.22 3.04 9.17
C ALA A 323 6.06 3.70 9.89
N ASN A 324 6.35 4.79 10.62
CA ASN A 324 5.30 5.44 11.39
C ASN A 324 5.23 6.92 11.08
N SER A 325 4.31 7.60 11.79
CA SER A 325 4.00 8.99 11.51
C SER A 325 5.09 9.93 11.98
N GLN A 326 6.04 9.44 12.77
CA GLN A 326 7.21 10.22 13.14
C GLN A 326 8.34 10.08 12.13
N GLY A 327 8.20 9.19 11.15
CA GLY A 327 9.24 8.95 10.18
C GLY A 327 10.21 7.85 10.52
N THR A 328 10.02 7.16 11.63
CA THR A 328 10.87 6.02 11.97
C THR A 328 10.57 4.85 11.04
N ILE A 329 11.62 4.20 10.56
CA ILE A 329 11.53 2.98 9.75
C ILE A 329 12.16 1.85 10.52
N LYS A 330 11.47 0.71 10.60
CA LYS A 330 12.06 -0.49 11.20
C LYS A 330 11.93 -1.68 10.25
N VAL A 331 12.95 -2.53 10.24
CA VAL A 331 12.86 -3.84 9.61
C VAL A 331 12.56 -4.83 10.72
N LEU A 332 11.44 -5.53 10.62
CA LEU A 332 11.00 -6.49 11.61
C LEU A 332 11.02 -7.87 10.99
N VAL A 333 11.21 -8.91 11.81
CA VAL A 333 11.11 -10.28 11.35
C VAL A 333 10.27 -11.05 12.35
N LEU A 334 9.28 -11.79 11.83
CA LEU A 334 8.55 -12.72 12.69
C LEU A 334 9.50 -13.79 13.20
N ALA A 335 9.30 -14.18 14.45
CA ALA A 335 10.20 -15.14 15.04
C ALA A 335 9.42 -15.98 16.07
N ALA A 336 9.90 -17.20 16.26
CA ALA A 336 9.33 -18.09 17.26
C ALA A 336 9.36 -17.43 18.63
N GLU B 5 -2.33 15.02 12.77
CA GLU B 5 -3.19 15.98 12.11
C GLU B 5 -4.23 15.25 11.27
N GLU B 6 -4.64 15.87 10.17
CA GLU B 6 -5.72 15.35 9.35
C GLU B 6 -5.23 14.79 8.02
N ILE B 7 -3.94 14.85 7.72
CA ILE B 7 -3.47 14.60 6.37
C ILE B 7 -3.61 13.15 5.93
N ARG B 8 -3.63 12.19 6.87
CA ARG B 8 -3.85 10.80 6.52
C ARG B 8 -5.26 10.31 6.88
N ARG B 9 -6.20 11.22 7.11
CA ARG B 9 -7.56 10.80 7.42
C ARG B 9 -8.19 10.08 6.22
N VAL B 10 -8.76 8.90 6.47
CA VAL B 10 -9.52 8.18 5.46
C VAL B 10 -10.90 8.81 5.33
N PRO B 11 -11.31 9.26 4.15
CA PRO B 11 -12.63 9.90 4.05
C PRO B 11 -13.77 8.94 4.26
N GLU B 12 -14.80 9.42 4.96
CA GLU B 12 -16.08 8.76 5.08
C GLU B 12 -17.05 9.34 4.08
N PHE B 13 -17.87 8.49 3.47
CA PHE B 13 -18.85 8.99 2.53
C PHE B 13 -20.09 9.39 3.29
#